data_7X77
#
_entry.id   7X77
#
_cell.length_a   68.173
_cell.length_b   92.360
_cell.length_c   52.646
_cell.angle_alpha   90.000
_cell.angle_beta   90.000
_cell.angle_gamma   90.000
#
_symmetry.space_group_name_H-M   'P 21 21 2'
#
loop_
_entity.id
_entity.type
_entity.pdbx_description
1 polymer 'Per os infectivity factor 5'
2 water water
#
_entity_poly.entity_id   1
_entity_poly.type   'polypeptide(L)'
_entity_poly.pdbx_seq_one_letter_code
;MKLCILLAVVAFVGLSLGRSPWPGVPMSFFSNLRAVNKLYPNQASFITDNTRLLTSTPAGFTNVLNAPSVRNIGNNRFQP
GYQLSNNQFVSTSDINRITRNNDVPNIRGVFQGISDPQINSLSQLRRVDNVPDFNYHTKQTRSNAVKQNFPETNVRTPEG
VQNALQQNPRLHSYMQSLKVGGTGILLATGGYFLFSAATLVQDIINAINNTGGSYYVQGKDAGEIAEACLLLQRTCRQDP
NLNQSDVTICPFDPLLPNNPPELTNMCQGFNYEVEKTVCRGSDPSADPDSPQYVDISDLPAGQTLMCIEPYSFGDLVGDL
GLDWLLGDEGLVGKSSNVSDSVSGKLMLESRGPFEGKPIPNPLLGLDSTRTGHHHHHH
;
_entity_poly.pdbx_strand_id   A
#
# COMPACT_ATOMS: atom_id res chain seq x y z
N PRO A 21 -0.90 -22.83 6.17
CA PRO A 21 -1.13 -23.25 7.56
C PRO A 21 -0.15 -24.32 8.04
N TRP A 22 0.62 -24.03 9.09
CA TRP A 22 1.55 -25.03 9.61
C TRP A 22 0.75 -26.14 10.29
N PRO A 23 1.08 -27.42 10.03
CA PRO A 23 0.31 -28.52 10.63
C PRO A 23 0.31 -28.48 12.15
N GLY A 24 -0.88 -28.62 12.72
CA GLY A 24 -1.07 -28.51 14.16
C GLY A 24 -1.09 -27.11 14.71
N VAL A 25 -0.86 -26.08 13.90
CA VAL A 25 -0.76 -24.71 14.38
C VAL A 25 -1.96 -23.93 13.88
N PRO A 26 -2.77 -23.32 14.76
CA PRO A 26 -3.79 -22.38 14.30
C PRO A 26 -3.15 -21.25 13.52
N MET A 27 -3.86 -20.77 12.51
CA MET A 27 -3.32 -19.66 11.72
C MET A 27 -3.40 -18.37 12.52
N SER A 28 -2.45 -17.48 12.26
CA SER A 28 -2.45 -16.17 12.92
C SER A 28 -3.62 -15.33 12.39
N PHE A 29 -3.97 -14.30 13.16
CA PHE A 29 -5.05 -13.40 12.79
C PHE A 29 -4.87 -12.85 11.38
N PHE A 30 -3.70 -12.29 11.09
CA PHE A 30 -3.49 -11.70 9.77
C PHE A 30 -3.36 -12.75 8.66
N SER A 31 -2.94 -13.98 8.98
CA SER A 31 -3.01 -15.06 7.98
C SER A 31 -4.45 -15.41 7.65
N ASN A 32 -5.32 -15.46 8.68
CA ASN A 32 -6.74 -15.73 8.43
C ASN A 32 -7.40 -14.58 7.69
N LEU A 33 -7.05 -13.34 8.03
CA LEU A 33 -7.55 -12.19 7.27
C LEU A 33 -7.12 -12.25 5.81
N ARG A 34 -5.86 -12.61 5.58
CA ARG A 34 -5.35 -12.76 4.22
C ARG A 34 -6.07 -13.89 3.49
N ALA A 35 -6.36 -15.00 4.19
CA ALA A 35 -6.99 -16.14 3.54
C ALA A 35 -8.38 -15.81 3.02
N VAL A 36 -9.12 -14.90 3.69
CA VAL A 36 -10.45 -14.53 3.22
C VAL A 36 -10.44 -13.33 2.29
N ASN A 37 -9.27 -12.79 1.93
CA ASN A 37 -9.18 -11.69 0.97
C ASN A 37 -9.24 -12.26 -0.46
N LYS A 38 -10.42 -12.76 -0.82
CA LYS A 38 -10.63 -13.36 -2.12
C LYS A 38 -12.13 -13.41 -2.39
N LEU A 39 -12.49 -13.82 -3.60
CA LEU A 39 -13.88 -14.05 -3.94
C LEU A 39 -14.25 -15.50 -3.62
N TYR A 40 -15.54 -15.73 -3.37
CA TYR A 40 -16.00 -17.03 -2.94
C TYR A 40 -17.07 -17.59 -3.87
N PRO A 41 -17.21 -18.91 -3.96
CA PRO A 41 -18.26 -19.50 -4.82
C PRO A 41 -19.65 -19.46 -4.22
N ASN A 42 -19.76 -19.37 -2.90
CA ASN A 42 -21.04 -19.27 -2.23
C ASN A 42 -20.78 -18.70 -0.83
N GLN A 43 -21.87 -18.49 -0.09
CA GLN A 43 -21.74 -17.89 1.24
C GLN A 43 -21.19 -18.89 2.26
N ALA A 44 -21.54 -20.16 2.13
CA ALA A 44 -21.16 -21.14 3.15
C ALA A 44 -19.65 -21.34 3.20
N SER A 45 -18.97 -21.34 2.05
CA SER A 45 -17.52 -21.46 2.06
C SER A 45 -16.86 -20.30 2.80
N PHE A 46 -17.51 -19.13 2.82
CA PHE A 46 -16.92 -17.99 3.52
C PHE A 46 -17.19 -18.04 5.01
N ILE A 47 -18.40 -18.41 5.41
CA ILE A 47 -18.69 -18.61 6.83
C ILE A 47 -17.68 -19.57 7.46
N THR A 48 -17.33 -20.63 6.71
CA THR A 48 -16.37 -21.62 7.20
C THR A 48 -15.02 -20.98 7.48
N ASP A 49 -14.47 -20.25 6.51
CA ASP A 49 -13.21 -19.56 6.71
C ASP A 49 -13.33 -18.49 7.78
N ASN A 50 -14.48 -17.80 7.83
CA ASN A 50 -14.65 -16.75 8.81
C ASN A 50 -14.72 -17.32 10.22
N THR A 51 -15.35 -18.50 10.38
CA THR A 51 -15.36 -19.13 11.69
C THR A 51 -13.93 -19.39 12.17
N ARG A 52 -13.07 -19.83 11.28
CA ARG A 52 -11.66 -19.99 11.63
C ARG A 52 -11.02 -18.66 11.96
N LEU A 53 -11.36 -17.61 11.21
CA LEU A 53 -10.82 -16.28 11.51
C LEU A 53 -11.22 -15.84 12.92
N LEU A 54 -12.47 -16.11 13.31
CA LEU A 54 -12.96 -15.68 14.63
C LEU A 54 -12.20 -16.35 15.77
N THR A 55 -11.62 -17.54 15.53
CA THR A 55 -10.84 -18.18 16.59
C THR A 55 -9.48 -17.52 16.76
N SER A 56 -9.14 -16.53 15.92
CA SER A 56 -7.89 -15.81 16.03
C SER A 56 -8.09 -14.31 16.24
N THR A 57 -9.32 -13.87 16.52
CA THR A 57 -9.66 -12.45 16.52
C THR A 57 -9.54 -11.83 17.91
N PRO A 58 -8.69 -10.81 18.09
CA PRO A 58 -8.59 -10.16 19.41
C PRO A 58 -9.90 -9.50 19.86
N ALA A 59 -9.89 -9.04 21.12
CA ALA A 59 -11.10 -8.78 21.88
C ALA A 59 -11.98 -7.70 21.25
N GLY A 60 -11.39 -6.67 20.69
CA GLY A 60 -12.25 -5.58 20.26
C GLY A 60 -12.78 -5.65 18.84
N PHE A 61 -12.52 -6.75 18.10
CA PHE A 61 -12.85 -6.85 16.69
C PHE A 61 -13.98 -7.84 16.40
N THR A 62 -14.51 -8.51 17.42
CA THR A 62 -15.42 -9.63 17.17
C THR A 62 -16.81 -9.15 16.78
N ASN A 63 -17.28 -8.03 17.32
CA ASN A 63 -18.62 -7.55 17.01
C ASN A 63 -18.83 -7.42 15.50
N VAL A 64 -17.85 -6.86 14.79
CA VAL A 64 -17.98 -6.74 13.34
C VAL A 64 -17.80 -8.09 12.67
N LEU A 65 -16.73 -8.82 13.03
CA LEU A 65 -16.41 -10.06 12.30
C LEU A 65 -17.42 -11.17 12.59
N ASN A 66 -18.16 -11.10 13.70
CA ASN A 66 -19.26 -12.05 13.93
C ASN A 66 -20.46 -11.77 13.08
N ALA A 67 -20.41 -10.83 12.15
CA ALA A 67 -21.53 -10.51 11.28
C ALA A 67 -21.14 -10.66 9.81
N PRO A 68 -20.76 -11.87 9.40
CA PRO A 68 -20.33 -12.07 8.01
C PRO A 68 -21.51 -12.08 7.05
N SER A 69 -21.22 -11.71 5.81
CA SER A 69 -22.19 -11.74 4.73
C SER A 69 -21.45 -11.71 3.40
N VAL A 70 -22.20 -11.77 2.31
CA VAL A 70 -21.63 -11.73 0.96
C VAL A 70 -22.58 -10.96 0.04
N ARG A 71 -22.01 -10.26 -0.92
CA ARG A 71 -22.78 -9.64 -2.00
C ARG A 71 -22.51 -10.38 -3.29
N ASN A 72 -23.59 -10.63 -4.04
CA ASN A 72 -23.49 -11.35 -5.31
C ASN A 72 -23.10 -10.36 -6.39
N ILE A 73 -21.92 -10.55 -6.99
CA ILE A 73 -21.40 -9.61 -7.98
C ILE A 73 -21.33 -10.27 -9.36
N GLY A 74 -22.37 -11.00 -9.71
CA GLY A 74 -22.40 -11.58 -11.05
C GLY A 74 -21.71 -12.91 -11.11
N ASN A 75 -22.16 -13.74 -12.05
CA ASN A 75 -21.71 -15.13 -12.17
C ASN A 75 -21.89 -15.84 -10.83
N ASN A 76 -21.13 -16.91 -10.60
CA ASN A 76 -21.09 -17.54 -9.28
C ASN A 76 -20.06 -16.89 -8.37
N ARG A 77 -19.92 -15.57 -8.43
CA ARG A 77 -18.90 -14.84 -7.68
C ARG A 77 -19.55 -14.07 -6.54
N PHE A 78 -19.06 -14.31 -5.32
CA PHE A 78 -19.54 -13.65 -4.11
C PHE A 78 -18.39 -12.92 -3.44
N GLN A 79 -18.57 -11.64 -3.16
CA GLN A 79 -17.56 -10.87 -2.44
C GLN A 79 -17.84 -10.96 -0.95
N PRO A 80 -16.89 -11.43 -0.14
CA PRO A 80 -17.14 -11.57 1.29
C PRO A 80 -16.99 -10.25 2.03
N GLY A 81 -17.69 -10.14 3.15
CA GLY A 81 -17.65 -8.94 3.94
C GLY A 81 -18.36 -9.07 5.25
N TYR A 82 -18.68 -7.93 5.84
CA TYR A 82 -19.34 -7.85 7.13
C TYR A 82 -20.35 -6.72 7.12
N GLN A 83 -21.52 -6.97 7.70
CA GLN A 83 -22.58 -5.97 7.80
C GLN A 83 -22.40 -5.20 9.10
N LEU A 84 -22.15 -3.89 8.98
CA LEU A 84 -21.96 -3.06 10.16
C LEU A 84 -23.30 -2.77 10.83
N SER A 85 -23.22 -2.30 12.09
CA SER A 85 -24.43 -1.99 12.84
C SER A 85 -25.19 -0.80 12.26
N ASN A 86 -24.51 0.09 11.54
CA ASN A 86 -25.21 1.12 10.78
C ASN A 86 -25.71 0.60 9.43
N ASN A 87 -25.80 -0.72 9.27
CA ASN A 87 -26.35 -1.36 8.07
C ASN A 87 -25.52 -1.06 6.82
N GLN A 88 -24.21 -0.92 6.98
CA GLN A 88 -23.29 -0.75 5.87
C GLN A 88 -22.44 -2.01 5.70
N PHE A 89 -22.02 -2.27 4.46
CA PHE A 89 -21.24 -3.44 4.10
C PHE A 89 -19.77 -3.06 3.95
N VAL A 90 -18.90 -3.84 4.58
CA VAL A 90 -17.45 -3.64 4.46
C VAL A 90 -16.81 -4.98 4.09
N SER A 91 -16.03 -4.99 3.01
CA SER A 91 -15.50 -6.23 2.47
C SER A 91 -14.25 -6.70 3.24
N THR A 92 -13.92 -7.97 3.07
CA THR A 92 -12.69 -8.48 3.70
C THR A 92 -11.47 -7.73 3.22
N SER A 93 -11.52 -7.21 1.98
CA SER A 93 -10.41 -6.40 1.46
C SER A 93 -10.27 -5.11 2.26
N ASP A 94 -11.38 -4.44 2.55
CA ASP A 94 -11.32 -3.22 3.36
C ASP A 94 -10.84 -3.52 4.79
N ILE A 95 -11.32 -4.62 5.39
CA ILE A 95 -10.83 -5.03 6.71
C ILE A 95 -9.32 -5.27 6.67
N ASN A 96 -8.86 -6.03 5.67
CA ASN A 96 -7.43 -6.25 5.52
C ASN A 96 -6.70 -4.93 5.41
N ARG A 97 -7.25 -3.98 4.63
CA ARG A 97 -6.56 -2.73 4.38
C ARG A 97 -6.38 -1.93 5.68
N ILE A 98 -7.49 -1.66 6.38
CA ILE A 98 -7.39 -0.79 7.54
C ILE A 98 -6.59 -1.44 8.66
N THR A 99 -6.66 -2.77 8.83
CA THR A 99 -5.95 -3.37 9.96
C THR A 99 -4.46 -3.53 9.66
N ARG A 100 -4.11 -3.88 8.42
CA ARG A 100 -2.70 -4.04 8.09
C ARG A 100 -2.02 -2.67 8.04
N ASN A 101 -2.76 -1.63 7.69
CA ASN A 101 -2.23 -0.27 7.65
C ASN A 101 -2.07 0.36 9.03
N ASN A 102 -2.70 -0.19 10.06
CA ASN A 102 -2.92 0.52 11.32
C ASN A 102 -3.49 1.91 11.03
N ASP A 103 -4.56 1.91 10.24
CA ASP A 103 -5.36 3.10 9.95
C ASP A 103 -6.29 3.34 11.14
N VAL A 104 -5.78 4.04 12.14
CA VAL A 104 -6.54 4.21 13.39
C VAL A 104 -7.90 4.86 13.15
N PRO A 105 -8.03 5.95 12.40
CA PRO A 105 -9.38 6.52 12.22
C PRO A 105 -10.37 5.55 11.60
N ASN A 106 -9.94 4.77 10.60
CA ASN A 106 -10.87 3.83 9.98
C ASN A 106 -11.10 2.59 10.84
N ILE A 107 -10.08 2.13 11.56
CA ILE A 107 -10.30 1.06 12.53
C ILE A 107 -11.37 1.48 13.54
N ARG A 108 -11.26 2.71 14.07
CA ARG A 108 -12.26 3.20 15.02
C ARG A 108 -13.61 3.37 14.35
N GLY A 109 -13.62 3.77 13.08
CA GLY A 109 -14.87 3.97 12.36
C GLY A 109 -15.61 2.70 12.02
N VAL A 110 -14.89 1.57 11.90
CA VAL A 110 -15.48 0.28 11.54
C VAL A 110 -15.72 -0.56 12.80
N PHE A 111 -14.66 -0.76 13.59
CA PHE A 111 -14.76 -1.57 14.81
C PHE A 111 -15.19 -0.67 15.96
N GLN A 112 -16.47 -0.30 15.95
CA GLN A 112 -16.93 0.80 16.79
C GLN A 112 -16.92 0.42 18.27
N GLY A 113 -16.55 1.37 19.11
CA GLY A 113 -16.40 1.11 20.51
C GLY A 113 -15.09 0.46 20.90
N ILE A 114 -14.19 0.21 19.95
CA ILE A 114 -12.91 -0.40 20.24
C ILE A 114 -12.07 0.54 21.10
N SER A 115 -11.35 -0.03 22.05
CA SER A 115 -10.48 0.74 22.92
C SER A 115 -9.10 0.90 22.31
N ASP A 116 -8.34 1.83 22.86
CA ASP A 116 -6.98 2.02 22.36
C ASP A 116 -6.09 0.81 22.69
N PRO A 117 -6.16 0.22 23.91
CA PRO A 117 -5.44 -1.04 24.12
C PRO A 117 -5.77 -2.10 23.08
N GLN A 118 -7.05 -2.25 22.74
CA GLN A 118 -7.44 -3.23 21.75
C GLN A 118 -6.85 -2.90 20.38
N ILE A 119 -6.92 -1.62 19.96
CA ILE A 119 -6.30 -1.21 18.69
C ILE A 119 -4.83 -1.57 18.67
N ASN A 120 -4.12 -1.24 19.75
CA ASN A 120 -2.68 -1.48 19.84
C ASN A 120 -2.33 -2.95 20.02
N SER A 121 -3.30 -3.82 20.32
CA SER A 121 -2.98 -5.24 20.39
C SER A 121 -2.67 -5.83 19.02
N LEU A 122 -3.06 -5.18 17.93
CA LEU A 122 -2.64 -5.61 16.60
C LEU A 122 -1.16 -5.39 16.35
N SER A 123 -0.49 -4.56 17.16
CA SER A 123 0.91 -4.23 16.92
C SER A 123 1.81 -5.47 16.99
N GLN A 124 1.71 -6.26 18.09
CA GLN A 124 2.51 -7.48 18.19
C GLN A 124 2.19 -8.45 17.07
N LEU A 125 0.92 -8.58 16.69
CA LEU A 125 0.55 -9.49 15.62
C LEU A 125 1.17 -9.06 14.30
N ARG A 126 1.08 -7.76 13.98
CA ARG A 126 1.71 -7.25 12.77
C ARG A 126 3.21 -7.53 12.78
N ARG A 127 3.84 -7.38 13.94
CA ARG A 127 5.29 -7.53 14.04
C ARG A 127 5.71 -8.97 13.77
N VAL A 128 5.04 -9.94 14.40
CA VAL A 128 5.47 -11.33 14.26
C VAL A 128 5.24 -11.81 12.83
N ASP A 129 4.10 -11.44 12.23
CA ASP A 129 3.79 -11.80 10.85
C ASP A 129 4.51 -10.91 9.84
N ASN A 130 5.35 -9.97 10.30
CA ASN A 130 6.15 -9.10 9.43
C ASN A 130 5.30 -8.31 8.44
N VAL A 131 4.13 -7.86 8.88
CA VAL A 131 3.23 -7.07 8.02
C VAL A 131 3.86 -5.72 7.72
N PRO A 132 4.12 -5.40 6.45
CA PRO A 132 4.81 -4.14 6.13
C PRO A 132 3.89 -2.95 5.83
N ASP A 133 2.58 -3.16 5.71
CA ASP A 133 1.77 -2.15 5.01
C ASP A 133 1.67 -0.87 5.83
N PHE A 134 1.73 -0.98 7.16
CA PHE A 134 1.47 0.17 8.02
C PHE A 134 2.39 1.34 7.69
N ASN A 135 3.65 1.07 7.39
CA ASN A 135 4.58 2.15 7.13
C ASN A 135 4.32 2.81 5.78
N TYR A 136 3.83 2.04 4.80
CA TYR A 136 3.43 2.65 3.53
C TYR A 136 2.22 3.54 3.72
N HIS A 137 1.29 3.14 4.58
CA HIS A 137 0.17 4.02 4.90
C HIS A 137 0.63 5.28 5.63
N THR A 138 1.67 5.19 6.46
CA THR A 138 2.16 6.38 7.14
C THR A 138 2.80 7.35 6.14
N LYS A 139 3.60 6.83 5.21
CA LYS A 139 4.19 7.69 4.19
C LYS A 139 3.12 8.33 3.31
N GLN A 140 2.13 7.54 2.90
CA GLN A 140 1.13 8.04 1.96
C GLN A 140 0.26 9.12 2.58
N THR A 141 -0.11 8.96 3.85
CA THR A 141 -0.96 9.97 4.49
C THR A 141 -0.19 11.27 4.70
N ARG A 142 1.06 11.17 5.14
CA ARG A 142 1.97 12.31 5.15
C ARG A 142 2.04 12.96 3.77
N SER A 143 2.25 12.14 2.72
CA SER A 143 2.34 12.69 1.37
C SER A 143 1.06 13.40 0.96
N ASN A 144 -0.10 12.84 1.32
CA ASN A 144 -1.37 13.48 0.98
C ASN A 144 -1.49 14.84 1.64
N ALA A 145 -1.14 14.94 2.92
CA ALA A 145 -1.16 16.20 3.64
C ALA A 145 -0.15 17.19 3.08
N VAL A 146 1.01 16.73 2.64
CA VAL A 146 1.99 17.63 2.03
C VAL A 146 1.39 18.26 0.77
N LYS A 147 0.84 17.43 -0.12
CA LYS A 147 0.27 17.95 -1.36
C LYS A 147 -0.96 18.81 -1.12
N GLN A 148 -1.67 18.59 -0.01
CA GLN A 148 -2.83 19.41 0.30
C GLN A 148 -2.43 20.76 0.89
N ASN A 149 -1.50 20.75 1.85
CA ASN A 149 -1.11 21.98 2.54
C ASN A 149 -0.07 22.79 1.79
N PHE A 150 0.73 22.17 0.93
CA PHE A 150 1.77 22.86 0.16
C PHE A 150 1.63 22.42 -1.30
N PRO A 151 0.60 22.89 -2.00
CA PRO A 151 0.33 22.38 -3.35
C PRO A 151 1.41 22.71 -4.36
N GLU A 152 2.31 23.64 -4.06
CA GLU A 152 3.41 23.89 -5.00
C GLU A 152 4.33 22.68 -5.12
N THR A 153 4.24 21.72 -4.19
CA THR A 153 5.03 20.49 -4.23
C THR A 153 4.42 19.41 -5.12
N ASN A 154 3.16 19.56 -5.53
CA ASN A 154 2.50 18.58 -6.39
C ASN A 154 2.93 18.76 -7.85
N VAL A 155 4.23 18.62 -8.10
CA VAL A 155 4.80 18.90 -9.40
C VAL A 155 5.83 17.83 -9.73
N ARG A 156 6.03 17.61 -11.03
CA ARG A 156 6.98 16.59 -11.48
C ARG A 156 8.00 17.13 -12.48
N THR A 157 7.97 18.51 -12.81
CA THR A 157 8.81 19.15 -13.81
C THR A 157 10.03 19.81 -13.16
N PRO A 158 11.12 19.97 -13.91
CA PRO A 158 12.28 20.69 -13.35
C PRO A 158 11.94 22.10 -12.87
N GLU A 159 11.13 22.85 -13.60
CA GLU A 159 10.78 24.20 -13.17
C GLU A 159 9.83 24.17 -11.98
N GLY A 160 8.90 23.21 -11.98
CA GLY A 160 8.02 23.07 -10.83
C GLY A 160 8.77 22.78 -9.55
N VAL A 161 9.76 21.87 -9.63
CA VAL A 161 10.53 21.50 -8.45
C VAL A 161 11.32 22.69 -7.94
N GLN A 162 11.96 23.43 -8.86
CA GLN A 162 12.78 24.58 -8.46
C GLN A 162 11.93 25.66 -7.80
N ASN A 163 10.75 25.93 -8.35
CA ASN A 163 9.83 26.85 -7.68
C ASN A 163 9.40 26.32 -6.32
N ALA A 164 9.21 25.01 -6.20
CA ALA A 164 8.86 24.42 -4.90
C ALA A 164 9.97 24.65 -3.88
N LEU A 165 11.23 24.43 -4.29
CA LEU A 165 12.36 24.70 -3.42
C LEU A 165 12.47 26.19 -3.11
N GLN A 166 12.15 27.05 -4.08
CA GLN A 166 12.17 28.49 -3.84
C GLN A 166 11.21 28.89 -2.72
N GLN A 167 10.00 28.32 -2.70
CA GLN A 167 8.99 28.67 -1.72
C GLN A 167 9.24 28.06 -0.35
N ASN A 168 10.16 27.11 -0.23
CA ASN A 168 10.43 26.40 1.02
C ASN A 168 11.93 26.35 1.22
N PRO A 169 12.53 27.46 1.64
CA PRO A 169 14.00 27.54 1.68
C PRO A 169 14.63 26.63 2.72
N ARG A 170 13.96 26.40 3.85
CA ARG A 170 14.47 25.45 4.84
C ARG A 170 14.66 24.06 4.22
N LEU A 171 13.65 23.59 3.50
CA LEU A 171 13.78 22.31 2.81
C LEU A 171 14.94 22.34 1.79
N HIS A 172 15.15 23.50 1.14
CA HIS A 172 16.18 23.60 0.12
C HIS A 172 17.58 23.48 0.72
N SER A 173 17.84 24.24 1.79
CA SER A 173 19.13 24.18 2.46
C SER A 173 19.40 22.80 3.03
N TYR A 174 18.37 22.14 3.55
CA TYR A 174 18.54 20.78 4.06
C TYR A 174 18.92 19.83 2.94
N MET A 175 18.19 19.86 1.81
CA MET A 175 18.46 18.90 0.75
C MET A 175 19.79 19.18 0.07
N GLN A 176 20.14 20.46 -0.12
CA GLN A 176 21.46 20.78 -0.69
C GLN A 176 22.57 20.27 0.22
N SER A 177 22.36 20.30 1.53
CA SER A 177 23.33 19.69 2.43
C SER A 177 23.35 18.18 2.29
N LEU A 178 22.21 17.56 2.00
CA LEU A 178 22.21 16.13 1.70
C LEU A 178 23.04 15.85 0.45
N LYS A 179 22.94 16.71 -0.56
CA LYS A 179 23.70 16.49 -1.80
C LYS A 179 25.20 16.56 -1.55
N VAL A 180 25.65 17.58 -0.81
CA VAL A 180 27.07 17.67 -0.47
C VAL A 180 27.54 16.42 0.26
N GLY A 181 26.71 15.89 1.16
CA GLY A 181 27.08 14.65 1.82
C GLY A 181 27.22 13.49 0.86
N GLY A 182 26.34 13.43 -0.15
CA GLY A 182 26.46 12.48 -1.23
C GLY A 182 25.90 11.10 -0.98
N THR A 183 25.40 10.82 0.23
CA THR A 183 24.93 9.46 0.54
C THR A 183 23.53 9.24 -0.02
N GLY A 184 23.38 8.28 -0.92
CA GLY A 184 22.07 7.98 -1.46
C GLY A 184 21.12 7.48 -0.38
N ILE A 185 19.83 7.69 -0.62
CA ILE A 185 18.78 7.39 0.36
C ILE A 185 17.81 6.40 -0.28
N LEU A 186 17.53 5.33 0.44
CA LEU A 186 16.57 4.31 -0.01
C LEU A 186 15.15 4.84 0.10
N LEU A 187 14.38 4.72 -0.97
CA LEU A 187 12.99 5.13 -0.99
C LEU A 187 12.07 3.92 -0.77
N ALA A 188 10.78 4.21 -0.55
CA ALA A 188 9.81 3.16 -0.29
C ALA A 188 9.65 2.22 -1.48
N THR A 189 10.04 2.64 -2.67
CA THR A 189 9.96 1.82 -3.88
C THR A 189 11.06 0.78 -3.98
N GLY A 190 12.08 0.85 -3.12
CA GLY A 190 13.28 0.08 -3.33
C GLY A 190 14.30 0.74 -4.21
N GLY A 191 13.94 1.82 -4.92
CA GLY A 191 14.90 2.64 -5.63
C GLY A 191 15.53 3.69 -4.72
N TYR A 192 16.38 4.53 -5.32
CA TYR A 192 17.21 5.42 -4.53
C TYR A 192 17.05 6.87 -4.96
N PHE A 193 17.27 7.75 -4.00
CA PHE A 193 17.41 9.20 -4.20
C PHE A 193 18.91 9.46 -4.18
N LEU A 194 19.47 9.72 -5.35
CA LEU A 194 20.92 9.83 -5.51
C LEU A 194 21.31 11.29 -5.69
N PHE A 195 22.62 11.55 -5.59
CA PHE A 195 23.10 12.91 -5.49
C PHE A 195 24.25 13.19 -6.45
N SER A 196 24.36 12.43 -7.53
CA SER A 196 25.50 12.52 -8.43
C SER A 196 25.29 13.46 -9.62
N ALA A 197 24.06 13.94 -9.86
CA ALA A 197 23.81 14.82 -10.99
C ALA A 197 24.40 16.20 -10.73
N ALA A 198 24.24 17.10 -11.70
CA ALA A 198 24.89 18.40 -11.60
C ALA A 198 24.15 19.36 -10.67
N THR A 199 22.83 19.23 -10.56
CA THR A 199 22.05 20.08 -9.67
C THR A 199 21.14 19.21 -8.80
N LEU A 200 20.81 19.75 -7.62
CA LEU A 200 19.86 19.07 -6.75
C LEU A 200 18.52 18.85 -7.47
N VAL A 201 18.06 19.86 -8.20
CA VAL A 201 16.82 19.74 -8.96
C VAL A 201 16.86 18.49 -9.84
N GLN A 202 18.00 18.27 -10.51
CA GLN A 202 18.13 17.13 -11.40
C GLN A 202 18.15 15.82 -10.60
N ASP A 203 18.81 15.81 -9.43
CA ASP A 203 18.74 14.63 -8.58
C ASP A 203 17.29 14.30 -8.26
N ILE A 204 16.49 15.32 -7.96
CA ILE A 204 15.09 15.13 -7.60
C ILE A 204 14.30 14.57 -8.78
N ILE A 205 14.51 15.18 -9.95
CA ILE A 205 13.83 14.69 -11.16
C ILE A 205 14.25 13.26 -11.48
N ASN A 206 15.55 12.95 -11.34
CA ASN A 206 15.99 11.58 -11.61
C ASN A 206 15.35 10.60 -10.63
N ALA A 207 15.22 11.02 -9.36
CA ALA A 207 14.65 10.14 -8.35
C ALA A 207 13.18 9.87 -8.65
N ILE A 208 12.40 10.92 -8.88
CA ILE A 208 10.96 10.72 -9.01
C ILE A 208 10.56 10.09 -10.34
N ASN A 209 11.38 10.26 -11.39
CA ASN A 209 11.07 9.58 -12.65
C ASN A 209 11.33 8.09 -12.59
N ASN A 210 11.99 7.61 -11.54
CA ASN A 210 12.26 6.19 -11.36
C ASN A 210 11.28 5.53 -10.38
N THR A 211 10.18 6.20 -10.06
CA THR A 211 9.13 5.67 -9.19
C THR A 211 7.85 5.52 -10.01
N GLY A 212 6.92 4.74 -9.47
CA GLY A 212 5.65 4.53 -10.13
C GLY A 212 5.54 3.14 -10.75
N GLY A 213 4.54 2.37 -10.34
CA GLY A 213 4.33 1.05 -10.88
C GLY A 213 3.92 0.06 -9.80
N SER A 214 3.92 -1.22 -10.19
CA SER A 214 3.44 -2.31 -9.35
C SER A 214 4.59 -2.84 -8.50
N TYR A 215 4.41 -2.84 -7.19
CA TYR A 215 5.48 -3.21 -6.28
C TYR A 215 5.12 -4.42 -5.44
N TYR A 216 6.10 -5.31 -5.31
CA TYR A 216 6.04 -6.50 -4.48
C TYR A 216 6.82 -6.17 -3.21
N VAL A 217 6.16 -6.22 -2.07
CA VAL A 217 6.68 -5.68 -0.82
C VAL A 217 6.64 -6.74 0.27
N GLN A 218 7.77 -6.94 0.97
CA GLN A 218 7.93 -7.98 1.97
C GLN A 218 8.52 -7.36 3.23
N GLY A 219 7.83 -7.52 4.36
CA GLY A 219 8.40 -7.04 5.61
C GLY A 219 9.42 -8.01 6.16
N LYS A 220 10.46 -7.46 6.73
CA LYS A 220 11.44 -8.25 7.44
C LYS A 220 11.65 -7.62 8.82
N ASP A 221 12.36 -8.34 9.67
CA ASP A 221 12.85 -7.85 11.00
C ASP A 221 11.71 -7.29 11.85
N ALA A 222 10.67 -8.10 12.00
CA ALA A 222 9.48 -7.72 12.78
C ALA A 222 8.81 -6.47 12.21
N GLY A 223 8.84 -6.33 10.88
CA GLY A 223 8.23 -5.18 10.25
C GLY A 223 9.05 -3.91 10.29
N GLU A 224 10.21 -3.91 10.96
CA GLU A 224 11.06 -2.73 10.95
C GLU A 224 11.53 -2.41 9.53
N ILE A 225 11.84 -3.45 8.75
CA ILE A 225 12.43 -3.31 7.42
C ILE A 225 11.41 -3.81 6.39
N ALA A 226 11.40 -3.16 5.23
CA ALA A 226 10.61 -3.59 4.09
C ALA A 226 11.53 -3.72 2.89
N GLU A 227 11.34 -4.78 2.12
CA GLU A 227 12.07 -4.93 0.88
C GLU A 227 11.08 -4.97 -0.26
N ALA A 228 11.25 -4.07 -1.22
CA ALA A 228 10.29 -3.83 -2.29
C ALA A 228 11.01 -3.85 -3.63
N CYS A 229 10.31 -4.35 -4.64
CA CYS A 229 10.81 -4.39 -5.99
C CYS A 229 9.63 -4.22 -6.93
N LEU A 230 9.93 -3.84 -8.17
CA LEU A 230 8.94 -3.44 -9.15
C LEU A 230 8.56 -4.63 -10.02
N LEU A 231 7.26 -4.75 -10.31
CA LEU A 231 6.74 -5.81 -11.16
C LEU A 231 6.45 -5.23 -12.55
N LEU A 232 7.30 -5.56 -13.52
CA LEU A 232 7.26 -4.83 -14.79
C LEU A 232 5.93 -5.04 -15.52
N GLN A 233 5.44 -6.27 -15.54
CA GLN A 233 4.29 -6.59 -16.38
C GLN A 233 2.96 -6.22 -15.75
N ARG A 234 2.93 -5.83 -14.48
CA ARG A 234 1.75 -5.22 -13.89
C ARG A 234 1.86 -3.70 -13.88
N THR A 235 2.94 -3.14 -14.43
CA THR A 235 3.16 -1.70 -14.56
C THR A 235 2.82 -1.33 -16.00
N CYS A 236 1.63 -0.81 -16.21
CA CYS A 236 1.18 -0.57 -17.58
C CYS A 236 1.63 0.77 -18.14
N ARG A 237 2.14 1.67 -17.30
CA ARG A 237 2.58 2.99 -17.74
C ARG A 237 3.88 3.32 -17.02
N GLN A 238 4.93 3.62 -17.79
CA GLN A 238 6.21 3.86 -17.14
C GLN A 238 6.96 4.91 -17.95
N ASP A 239 7.37 6.03 -17.28
CA ASP A 239 8.06 6.96 -18.17
C ASP A 239 9.56 6.68 -18.19
N PRO A 240 10.27 7.06 -19.26
CA PRO A 240 11.73 6.89 -19.29
C PRO A 240 12.45 7.81 -18.30
N VAL A 247 17.12 1.41 -9.48
CA VAL A 247 15.79 0.84 -9.28
C VAL A 247 15.86 -0.68 -9.25
N THR A 248 15.16 -1.30 -8.32
CA THR A 248 15.23 -2.74 -8.17
C THR A 248 14.02 -3.39 -8.83
N ILE A 249 14.26 -4.24 -9.83
CA ILE A 249 13.23 -4.99 -10.53
C ILE A 249 13.07 -6.33 -9.84
N CYS A 250 11.84 -6.80 -9.70
CA CYS A 250 11.61 -8.10 -9.08
C CYS A 250 12.18 -9.20 -9.98
N PRO A 251 12.93 -10.14 -9.42
CA PRO A 251 13.43 -11.26 -10.25
C PRO A 251 12.35 -12.26 -10.64
N PHE A 252 11.14 -12.19 -10.08
CA PHE A 252 10.09 -13.13 -10.46
C PHE A 252 8.73 -12.52 -10.13
N ASP A 253 7.72 -12.99 -10.84
CA ASP A 253 6.39 -12.60 -10.41
C ASP A 253 5.89 -13.57 -9.35
N PRO A 254 5.40 -13.08 -8.20
CA PRO A 254 5.06 -13.98 -7.10
C PRO A 254 3.73 -14.71 -7.24
N LEU A 255 2.89 -14.33 -8.20
CA LEU A 255 1.59 -14.97 -8.35
C LEU A 255 1.42 -15.73 -9.66
N LEU A 256 2.18 -15.39 -10.70
CA LEU A 256 2.03 -15.99 -12.03
C LEU A 256 3.41 -16.34 -12.57
N PRO A 257 3.94 -17.50 -12.18
CA PRO A 257 5.28 -17.88 -12.63
C PRO A 257 5.32 -18.24 -14.11
N ASN A 258 6.50 -18.04 -14.72
CA ASN A 258 6.81 -18.56 -16.06
C ASN A 258 6.01 -17.86 -17.17
N ASN A 259 5.84 -16.54 -17.05
CA ASN A 259 5.28 -15.67 -18.09
C ASN A 259 4.04 -16.26 -18.78
N PRO A 260 2.97 -16.55 -18.05
CA PRO A 260 1.74 -17.01 -18.69
C PRO A 260 1.10 -15.88 -19.48
N PRO A 261 0.25 -16.20 -20.45
CA PRO A 261 -0.44 -15.14 -21.20
C PRO A 261 -1.27 -14.23 -20.31
N GLU A 262 -1.78 -14.75 -19.19
CA GLU A 262 -2.56 -13.92 -18.27
C GLU A 262 -1.74 -12.75 -17.74
N LEU A 263 -0.43 -12.94 -17.59
CA LEU A 263 0.48 -11.90 -17.12
C LEU A 263 1.01 -11.07 -18.28
N THR A 264 1.51 -11.71 -19.34
CA THR A 264 2.12 -10.96 -20.42
C THR A 264 1.11 -10.08 -21.14
N ASN A 265 -0.16 -10.45 -21.13
CA ASN A 265 -1.21 -9.66 -21.75
C ASN A 265 -1.99 -8.83 -20.74
N MET A 266 -1.51 -8.70 -19.52
CA MET A 266 -2.32 -8.04 -18.50
C MET A 266 -2.59 -6.58 -18.84
N CYS A 267 -1.69 -5.92 -19.56
CA CYS A 267 -1.82 -4.49 -19.79
C CYS A 267 -2.52 -4.15 -21.11
N GLN A 268 -3.04 -5.14 -21.83
CA GLN A 268 -3.70 -4.86 -23.11
C GLN A 268 -4.98 -4.04 -22.90
N GLY A 269 -5.16 -3.04 -23.77
CA GLY A 269 -6.26 -2.11 -23.63
C GLY A 269 -6.15 -1.16 -22.47
N PHE A 270 -4.98 -1.09 -21.82
CA PHE A 270 -4.79 -0.17 -20.71
C PHE A 270 -5.07 1.25 -21.16
N ASN A 271 -5.97 1.92 -20.44
CA ASN A 271 -6.37 3.29 -20.72
C ASN A 271 -6.11 4.09 -19.44
N TYR A 272 -5.00 4.85 -19.44
CA TYR A 272 -4.61 5.62 -18.26
C TYR A 272 -5.67 6.67 -17.91
N GLU A 273 -6.25 7.32 -18.92
CA GLU A 273 -7.28 8.32 -18.67
C GLU A 273 -8.45 7.72 -17.91
N VAL A 274 -8.86 6.49 -18.26
CA VAL A 274 -10.02 5.87 -17.62
C VAL A 274 -9.63 5.25 -16.28
N GLU A 275 -8.53 4.51 -16.26
CA GLU A 275 -8.21 3.70 -15.09
C GLU A 275 -7.53 4.51 -14.00
N LYS A 276 -6.88 5.62 -14.36
CA LYS A 276 -6.36 6.62 -13.42
C LYS A 276 -5.37 6.03 -12.43
N THR A 277 -4.58 5.07 -12.88
CA THR A 277 -3.51 4.46 -12.11
C THR A 277 -2.53 3.89 -13.12
N VAL A 278 -1.26 3.76 -12.71
CA VAL A 278 -0.26 3.17 -13.59
C VAL A 278 -0.26 1.64 -13.57
N CYS A 279 -1.09 1.03 -12.73
CA CYS A 279 -1.01 -0.40 -12.47
C CYS A 279 -2.26 -1.13 -12.92
N ARG A 280 -2.05 -2.40 -13.24
CA ARG A 280 -3.13 -3.38 -13.32
C ARG A 280 -2.78 -4.55 -12.42
N GLY A 281 -3.81 -5.19 -11.88
CA GLY A 281 -3.64 -6.38 -11.07
C GLY A 281 -2.66 -6.20 -9.93
N SER A 282 -2.70 -5.06 -9.26
CA SER A 282 -1.81 -4.81 -8.13
C SER A 282 -2.52 -4.20 -6.92
N ASP A 283 -3.85 -4.11 -6.92
CA ASP A 283 -4.58 -3.47 -5.82
C ASP A 283 -5.58 -4.44 -5.23
N PRO A 284 -5.27 -5.05 -4.08
CA PRO A 284 -6.23 -5.97 -3.45
C PRO A 284 -7.52 -5.29 -2.99
N SER A 285 -7.54 -3.97 -2.86
CA SER A 285 -8.73 -3.28 -2.37
C SER A 285 -9.58 -2.70 -3.49
N ALA A 286 -9.20 -2.90 -4.75
CA ALA A 286 -9.94 -2.33 -5.85
C ALA A 286 -11.22 -3.12 -6.11
N ASP A 287 -12.06 -2.60 -7.00
CA ASP A 287 -13.31 -3.26 -7.33
C ASP A 287 -13.02 -4.58 -8.05
N PRO A 288 -13.60 -5.70 -7.61
CA PRO A 288 -13.24 -6.99 -8.21
C PRO A 288 -13.51 -7.08 -9.70
N ASP A 289 -14.36 -6.20 -10.26
CA ASP A 289 -14.63 -6.18 -11.69
C ASP A 289 -13.67 -5.30 -12.47
N SER A 290 -12.78 -4.57 -11.79
CA SER A 290 -11.85 -3.67 -12.48
C SER A 290 -10.54 -4.37 -12.76
N PRO A 291 -9.80 -3.92 -13.78
CA PRO A 291 -8.48 -4.50 -14.06
C PRO A 291 -7.43 -4.15 -13.02
N GLN A 292 -7.74 -3.25 -12.08
CA GLN A 292 -6.84 -2.98 -10.98
C GLN A 292 -6.81 -4.09 -9.94
N TYR A 293 -7.86 -4.92 -9.88
CA TYR A 293 -8.01 -5.91 -8.81
C TYR A 293 -6.95 -7.02 -8.90
N VAL A 294 -6.60 -7.58 -7.76
CA VAL A 294 -5.72 -8.74 -7.69
C VAL A 294 -6.08 -9.57 -6.45
N ASP A 295 -5.98 -10.88 -6.60
CA ASP A 295 -6.21 -11.84 -5.52
C ASP A 295 -4.84 -12.30 -5.01
N ILE A 296 -4.50 -11.89 -3.78
CA ILE A 296 -3.21 -12.26 -3.20
C ILE A 296 -3.37 -13.22 -2.02
N SER A 297 -4.53 -13.87 -1.89
CA SER A 297 -4.80 -14.75 -0.75
C SER A 297 -3.79 -15.89 -0.58
N ASP A 298 -2.99 -16.21 -1.60
CA ASP A 298 -1.94 -17.23 -1.47
C ASP A 298 -0.64 -16.68 -0.92
N LEU A 299 -0.43 -15.36 -0.93
CA LEU A 299 0.81 -14.80 -0.40
C LEU A 299 0.82 -14.84 1.13
N PRO A 300 1.97 -15.17 1.73
CA PRO A 300 2.05 -15.15 3.20
C PRO A 300 1.78 -13.74 3.74
N ALA A 301 1.45 -13.67 5.03
CA ALA A 301 0.89 -12.45 5.60
C ALA A 301 1.87 -11.27 5.57
N GLY A 302 3.16 -11.54 5.59
CA GLY A 302 4.15 -10.47 5.58
C GLY A 302 4.48 -9.92 4.21
N GLN A 303 3.74 -10.31 3.18
CA GLN A 303 3.98 -9.90 1.80
C GLN A 303 2.69 -9.37 1.20
N THR A 304 2.81 -8.40 0.30
CA THR A 304 1.63 -7.88 -0.38
C THR A 304 2.05 -7.30 -1.73
N LEU A 305 1.06 -7.03 -2.55
CA LEU A 305 1.21 -6.22 -3.76
C LEU A 305 0.55 -4.87 -3.53
N MET A 306 1.12 -3.82 -4.12
CA MET A 306 0.51 -2.50 -4.09
C MET A 306 0.92 -1.71 -5.33
N CYS A 307 0.09 -0.75 -5.70
CA CYS A 307 0.46 0.24 -6.72
C CYS A 307 0.94 1.50 -6.03
N ILE A 308 2.10 1.99 -6.44
CA ILE A 308 2.58 3.30 -6.01
C ILE A 308 2.63 4.18 -7.25
N GLU A 309 1.80 5.24 -7.24
CA GLU A 309 1.75 6.15 -8.37
C GLU A 309 3.07 6.93 -8.46
N PRO A 310 3.41 7.45 -9.66
CA PRO A 310 4.67 8.18 -9.81
C PRO A 310 4.75 9.35 -8.83
N TYR A 311 5.92 9.53 -8.24
CA TYR A 311 6.07 10.53 -7.18
C TYR A 311 5.93 11.93 -7.75
N SER A 312 5.15 12.78 -7.08
CA SER A 312 5.39 14.20 -7.17
C SER A 312 6.56 14.55 -6.24
N PHE A 313 7.03 15.80 -6.32
CA PHE A 313 8.05 16.22 -5.38
C PHE A 313 7.55 16.08 -3.94
N GLY A 314 6.27 16.36 -3.70
CA GLY A 314 5.71 16.21 -2.38
C GLY A 314 5.67 14.76 -1.93
N ASP A 315 5.52 13.84 -2.88
CA ASP A 315 5.57 12.42 -2.53
C ASP A 315 6.96 12.04 -2.08
N LEU A 316 7.99 12.62 -2.70
CA LEU A 316 9.35 12.35 -2.27
C LEU A 316 9.62 12.93 -0.88
N VAL A 317 9.15 14.16 -0.65
CA VAL A 317 9.32 14.79 0.66
C VAL A 317 8.61 13.98 1.75
N GLY A 318 7.44 13.42 1.42
CA GLY A 318 6.69 12.67 2.43
C GLY A 318 7.30 11.31 2.72
N ASP A 319 7.81 10.64 1.68
CA ASP A 319 8.53 9.38 1.86
C ASP A 319 9.71 9.55 2.80
N LEU A 320 10.49 10.62 2.60
CA LEU A 320 11.69 10.88 3.38
C LEU A 320 11.40 11.46 4.75
N GLY A 321 10.16 11.84 5.05
CA GLY A 321 9.90 12.50 6.32
C GLY A 321 10.50 13.89 6.43
N LEU A 322 10.53 14.64 5.35
CA LEU A 322 11.09 15.99 5.37
C LEU A 322 10.01 17.06 5.39
N ASP A 323 8.77 16.68 5.72
CA ASP A 323 7.65 17.61 5.69
C ASP A 323 7.77 18.71 6.74
N TRP A 324 8.51 18.49 7.83
CA TRP A 324 8.70 19.54 8.82
C TRP A 324 9.51 20.71 8.28
N LEU A 325 10.14 20.57 7.11
CA LEU A 325 10.92 21.65 6.50
C LEU A 325 10.09 22.52 5.57
N LEU A 326 8.82 22.17 5.31
CA LEU A 326 7.96 23.02 4.51
C LEU A 326 7.49 24.23 5.32
N GLY A 327 7.32 25.35 4.62
CA GLY A 327 6.84 26.58 5.22
C GLY A 327 7.68 26.98 6.41
N ASP A 328 7.05 27.67 7.37
CA ASP A 328 7.72 28.06 8.60
C ASP A 328 7.69 26.98 9.67
N GLU A 329 6.69 26.10 9.64
CA GLU A 329 6.65 25.04 10.66
C GLU A 329 6.11 23.71 10.14
N GLY A 330 6.10 23.48 8.83
CA GLY A 330 5.67 22.18 8.36
C GLY A 330 4.15 22.04 8.40
N LEU A 331 3.69 20.80 8.47
CA LEU A 331 2.26 20.54 8.60
C LEU A 331 1.79 20.90 10.01
#